data_8IWQ
#
_entry.id   8IWQ
#
_cell.length_a   66.849
_cell.length_b   47.497
_cell.length_c   96.265
_cell.angle_alpha   90.00
_cell.angle_beta   99.46
_cell.angle_gamma   90.00
#
_symmetry.space_group_name_H-M   'P 1 21 1'
#
loop_
_entity.id
_entity.type
_entity.pdbx_description
1 polymer '2-dehydropantoate 2-reductase'
2 non-polymer GLYCEROL
3 water water
#
_entity_poly.entity_id   1
_entity_poly.type   'polypeptide(L)'
_entity_poly.pdbx_seq_one_letter_code
;MDSKQQRIGVIGTGAIGGFYGLMLAHAGHDVHFLLRSEFEAVNRAGLSLNSAVHGFRRLAPVQAYHSAQDMPPCDWLLVG
AKTTGNHELAPLIRAAAAPGAKVLLLQNGLGVEERLRPLLPESLHLLGGLCFICVHRGEPGVIEHQAYGGVNLGYHSGPA
DERRRREIVEEGAALFRESGLESTAMPDLEQARWQKLVWNIPYNGLSVLLKSSTAPLMANADSRSLIEAIMEEVIGAAGA
CGFILPEGYADQLLAATERMPDYRPSMYHDFAHGRPLELAAIYAAPLARAAAAGYRMPRVEALHQALRFLEAQPR
;
_entity_poly.pdbx_strand_id   B,A
#
# COMPACT_ATOMS: atom_id res chain seq x y z
N LYS A 4 -1.95 17.23 31.84
CA LYS A 4 -1.68 16.47 30.63
C LYS A 4 -2.16 15.02 30.76
N GLN A 5 -3.26 14.69 30.09
CA GLN A 5 -3.65 13.29 29.98
C GLN A 5 -2.94 12.63 28.80
N GLN A 6 -2.84 13.34 27.69
CA GLN A 6 -2.18 12.85 26.48
C GLN A 6 -1.26 13.94 25.93
N ARG A 7 -0.05 13.55 25.55
CA ARG A 7 0.88 14.46 24.89
C ARG A 7 0.66 14.37 23.39
N ILE A 8 0.39 15.51 22.75
CA ILE A 8 -0.03 15.56 21.37
C ILE A 8 0.93 16.43 20.58
N GLY A 9 1.45 15.90 19.49
CA GLY A 9 2.33 16.64 18.59
C GLY A 9 1.60 16.99 17.31
N VAL A 10 1.78 18.23 16.86
CA VAL A 10 1.15 18.73 15.64
C VAL A 10 2.25 18.94 14.62
N ILE A 11 2.27 18.09 13.59
CA ILE A 11 3.26 18.17 12.52
C ILE A 11 2.63 18.97 11.38
N GLY A 12 3.14 20.17 11.15
CA GLY A 12 2.55 21.07 10.18
C GLY A 12 1.43 21.88 10.80
N THR A 13 1.72 23.11 11.19
CA THR A 13 0.80 23.96 11.94
C THR A 13 0.25 25.03 10.99
N GLY A 14 -0.66 24.61 10.12
CA GLY A 14 -1.45 25.52 9.31
C GLY A 14 -2.78 25.81 9.97
N ALA A 15 -3.81 25.99 9.14
CA ALA A 15 -5.14 26.22 9.67
C ALA A 15 -5.70 24.97 10.34
N ILE A 16 -5.55 23.82 9.68
CA ILE A 16 -6.08 22.57 10.22
C ILE A 16 -5.33 22.16 11.48
N GLY A 17 -3.99 22.10 11.38
CA GLY A 17 -3.21 21.67 12.54
C GLY A 17 -3.33 22.62 13.71
N GLY A 18 -3.32 23.93 13.44
CA GLY A 18 -3.45 24.89 14.52
C GLY A 18 -4.80 24.84 15.20
N PHE A 19 -5.87 24.67 14.42
CA PHE A 19 -7.21 24.62 14.99
C PHE A 19 -7.36 23.43 15.94
N TYR A 20 -7.08 22.22 15.44
CA TYR A 20 -7.29 21.02 16.25
C TYR A 20 -6.30 20.96 17.40
N GLY A 21 -5.06 21.38 17.17
CA GLY A 21 -4.10 21.44 18.27
C GLY A 21 -4.51 22.43 19.34
N LEU A 22 -5.07 23.57 18.94
CA LEU A 22 -5.53 24.55 19.93
C LEU A 22 -6.76 24.04 20.67
N MET A 23 -7.71 23.43 19.95
CA MET A 23 -8.91 22.90 20.60
C MET A 23 -8.54 21.81 21.60
N LEU A 24 -7.62 20.92 21.23
CA LEU A 24 -7.16 19.90 22.17
C LEU A 24 -6.43 20.51 23.35
N ALA A 25 -5.57 21.51 23.09
CA ALA A 25 -4.86 22.18 24.17
C ALA A 25 -5.84 22.82 25.15
N HIS A 26 -6.92 23.40 24.64
CA HIS A 26 -7.92 24.01 25.50
C HIS A 26 -8.69 22.97 26.31
N ALA A 27 -8.64 21.70 25.91
CA ALA A 27 -9.24 20.63 26.68
C ALA A 27 -8.32 20.09 27.77
N GLY A 28 -7.11 20.64 27.89
CA GLY A 28 -6.18 20.23 28.92
C GLY A 28 -5.04 19.34 28.46
N HIS A 29 -5.00 18.98 27.18
CA HIS A 29 -3.91 18.15 26.68
C HIS A 29 -2.65 18.99 26.49
N ASP A 30 -1.50 18.31 26.60
CA ASP A 30 -0.20 18.96 26.42
C ASP A 30 0.15 18.87 24.94
N VAL A 31 0.03 19.99 24.24
CA VAL A 31 0.15 20.05 22.80
C VAL A 31 1.43 20.77 22.42
N HIS A 32 2.20 20.17 21.52
CA HIS A 32 3.46 20.74 21.03
C HIS A 32 3.36 20.90 19.52
N PHE A 33 3.64 22.11 19.04
CA PHE A 33 3.40 22.48 17.66
C PHE A 33 4.73 22.54 16.91
N LEU A 34 4.83 21.79 15.81
CA LEU A 34 5.97 21.87 14.90
C LEU A 34 5.60 22.81 13.76
N LEU A 35 6.42 23.86 13.58
CA LEU A 35 6.12 24.93 12.65
C LEU A 35 7.10 24.87 11.49
N ARG A 36 6.58 24.63 10.29
CA ARG A 36 7.43 24.59 9.11
C ARG A 36 7.72 25.99 8.57
N SER A 37 6.70 26.85 8.53
CA SER A 37 6.81 28.13 7.89
C SER A 37 6.50 29.31 8.81
N GLU A 38 5.91 29.07 9.97
CA GLU A 38 5.29 30.12 10.77
C GLU A 38 5.90 30.26 12.16
N PHE A 39 7.05 29.63 12.41
CA PHE A 39 7.55 29.48 13.77
C PHE A 39 7.75 30.83 14.45
N GLU A 40 8.63 31.66 13.92
CA GLU A 40 9.01 32.88 14.63
C GLU A 40 7.81 33.81 14.78
N ALA A 41 6.91 33.83 13.81
CA ALA A 41 5.67 34.59 13.97
C ALA A 41 4.80 34.01 15.08
N VAL A 42 4.48 32.71 14.97
CA VAL A 42 3.57 32.09 15.94
C VAL A 42 4.20 32.03 17.33
N ASN A 43 5.52 31.83 17.41
CA ASN A 43 6.16 31.68 18.71
C ASN A 43 5.98 32.93 19.55
N ARG A 44 6.23 34.11 18.97
CA ARG A 44 6.08 35.35 19.73
C ARG A 44 4.62 35.79 19.81
N ALA A 45 3.87 35.64 18.71
CA ALA A 45 2.50 36.12 18.70
C ALA A 45 1.56 35.17 19.45
N GLY A 46 1.75 33.87 19.29
CA GLY A 46 0.84 32.90 19.86
C GLY A 46 -0.12 32.35 18.83
N LEU A 47 -1.08 31.57 19.31
CA LEU A 47 -2.14 31.02 18.47
C LEU A 47 -3.48 31.57 18.94
N SER A 48 -4.18 32.24 18.04
CA SER A 48 -5.48 32.82 18.32
C SER A 48 -6.53 32.23 17.39
N LEU A 49 -7.73 32.00 17.91
CA LEU A 49 -8.82 31.40 17.16
C LEU A 49 -9.99 32.36 17.11
N ASN A 50 -10.38 32.76 15.90
CA ASN A 50 -11.62 33.49 15.66
C ASN A 50 -12.63 32.47 15.15
N SER A 51 -13.53 32.03 16.03
CA SER A 51 -14.44 30.94 15.72
C SER A 51 -15.88 31.40 15.89
N ALA A 52 -16.69 31.20 14.85
CA ALA A 52 -18.12 31.44 14.96
C ALA A 52 -18.80 30.37 15.81
N VAL A 53 -18.19 29.20 15.95
CA VAL A 53 -18.78 28.11 16.73
C VAL A 53 -18.39 28.21 18.19
N HIS A 54 -17.10 28.29 18.49
CA HIS A 54 -16.59 28.20 19.85
C HIS A 54 -16.18 29.56 20.43
N GLY A 55 -16.41 30.64 19.71
CA GLY A 55 -15.95 31.93 20.18
C GLY A 55 -14.43 32.06 20.10
N PHE A 56 -13.95 33.18 20.62
CA PHE A 56 -12.52 33.45 20.59
C PHE A 56 -11.78 32.55 21.58
N ARG A 57 -10.71 31.91 21.11
CA ARG A 57 -9.82 31.12 21.94
C ARG A 57 -8.38 31.55 21.65
N ARG A 58 -7.51 31.36 22.63
CA ARG A 58 -6.12 31.77 22.49
C ARG A 58 -5.23 30.78 23.23
N LEU A 59 -4.05 30.54 22.68
CA LEU A 59 -3.02 29.73 23.32
C LEU A 59 -1.72 30.54 23.31
N ALA A 60 -1.37 31.11 24.46
CA ALA A 60 -0.15 31.91 24.58
C ALA A 60 0.40 31.75 25.98
N PRO A 61 1.65 31.31 26.14
CA PRO A 61 2.55 30.98 25.03
C PRO A 61 2.27 29.64 24.36
N VAL A 62 2.79 29.45 23.15
CA VAL A 62 2.67 28.20 22.42
C VAL A 62 3.95 27.41 22.61
N GLN A 63 3.82 26.09 22.72
CA GLN A 63 4.97 25.19 22.72
C GLN A 63 5.33 24.92 21.27
N ALA A 64 6.06 25.85 20.69
CA ALA A 64 6.40 25.84 19.27
C ALA A 64 7.83 25.34 19.06
N TYR A 65 8.03 24.61 17.97
CA TYR A 65 9.33 24.05 17.63
C TYR A 65 9.56 24.22 16.14
N HIS A 66 10.81 24.48 15.76
CA HIS A 66 11.18 24.54 14.35
C HIS A 66 11.80 23.26 13.83
N SER A 67 12.25 22.38 14.71
CA SER A 67 12.82 21.10 14.33
C SER A 67 12.15 19.99 15.13
N ALA A 68 11.83 18.88 14.45
CA ALA A 68 11.11 17.80 15.10
C ALA A 68 11.93 17.15 16.20
N GLN A 69 13.26 17.18 16.08
CA GLN A 69 14.11 16.55 17.09
C GLN A 69 13.96 17.23 18.45
N ASP A 70 13.63 18.52 18.47
CA ASP A 70 13.45 19.23 19.73
C ASP A 70 12.17 18.83 20.44
N MET A 71 11.21 18.23 19.73
CA MET A 71 9.93 17.90 20.32
C MET A 71 10.06 16.71 21.27
N PRO A 72 9.26 16.68 22.32
CA PRO A 72 9.24 15.50 23.21
C PRO A 72 8.47 14.37 22.58
N PRO A 73 8.66 13.13 23.06
CA PRO A 73 7.89 12.00 22.54
C PRO A 73 6.40 12.17 22.85
N CYS A 74 5.60 12.23 21.79
CA CYS A 74 4.16 12.45 21.89
C CYS A 74 3.40 11.15 21.65
N ASP A 75 2.21 11.06 22.29
CA ASP A 75 1.37 9.88 22.16
C ASP A 75 0.53 9.92 20.88
N TRP A 76 0.09 11.11 20.48
CA TRP A 76 -0.67 11.30 19.26
C TRP A 76 0.01 12.35 18.41
N LEU A 77 0.29 12.03 17.15
CA LEU A 77 0.83 12.98 16.21
C LEU A 77 -0.26 13.32 15.21
N LEU A 78 -0.62 14.60 15.14
CA LEU A 78 -1.63 15.10 14.24
C LEU A 78 -0.95 15.82 13.08
N VAL A 79 -1.14 15.31 11.88
CA VAL A 79 -0.60 15.93 10.67
C VAL A 79 -1.72 16.75 10.05
N GLY A 80 -1.62 18.07 10.16
CA GLY A 80 -2.50 18.99 9.49
C GLY A 80 -1.97 19.59 8.21
N ALA A 81 -0.71 19.31 7.87
CA ALA A 81 -0.11 19.85 6.66
C ALA A 81 -0.80 19.28 5.42
N LYS A 82 -0.56 19.95 4.29
CA LYS A 82 -1.10 19.48 3.02
C LYS A 82 -0.39 18.20 2.59
N THR A 83 -1.10 17.38 1.82
CA THR A 83 -0.54 16.12 1.37
C THR A 83 0.66 16.29 0.44
N THR A 84 0.91 17.51 -0.04
CA THR A 84 2.03 17.75 -0.95
C THR A 84 3.38 17.60 -0.26
N GLY A 85 3.44 17.76 1.06
CA GLY A 85 4.70 17.60 1.76
C GLY A 85 4.80 16.30 2.52
N ASN A 86 3.99 15.31 2.15
CA ASN A 86 3.95 14.06 2.91
C ASN A 86 5.18 13.20 2.70
N HIS A 87 5.94 13.42 1.62
CA HIS A 87 7.11 12.58 1.38
C HIS A 87 8.23 12.87 2.37
N GLU A 88 8.31 14.10 2.87
CA GLU A 88 9.29 14.45 3.88
C GLU A 88 8.73 14.35 5.29
N LEU A 89 7.59 13.68 5.46
CA LEU A 89 6.91 13.62 6.75
C LEU A 89 7.52 12.56 7.67
N ALA A 90 7.92 11.42 7.10
CA ALA A 90 8.34 10.28 7.90
C ALA A 90 9.41 10.60 8.94
N PRO A 91 10.54 11.25 8.61
CA PRO A 91 11.53 11.53 9.66
C PRO A 91 11.01 12.46 10.75
N LEU A 92 10.10 13.38 10.41
CA LEU A 92 9.53 14.26 11.43
C LEU A 92 8.67 13.46 12.41
N ILE A 93 7.81 12.59 11.89
CA ILE A 93 6.95 11.77 12.73
C ILE A 93 7.79 10.88 13.63
N ARG A 94 8.75 10.16 13.04
CA ARG A 94 9.59 9.26 13.82
C ARG A 94 10.35 10.02 14.91
N ALA A 95 10.79 11.24 14.61
CA ALA A 95 11.52 12.01 15.60
C ALA A 95 10.63 12.43 16.77
N ALA A 96 9.34 12.66 16.53
CA ALA A 96 8.45 13.17 17.56
C ALA A 96 7.60 12.08 18.23
N ALA A 97 7.68 10.84 17.76
CA ALA A 97 6.77 9.80 18.22
C ALA A 97 7.29 9.14 19.49
N ALA A 98 6.41 9.02 20.49
CA ALA A 98 6.65 8.13 21.60
C ALA A 98 6.52 6.68 21.11
N PRO A 99 7.02 5.72 21.89
CA PRO A 99 6.86 4.31 21.51
C PRO A 99 5.39 3.99 21.26
N GLY A 100 5.11 3.42 20.10
CA GLY A 100 3.77 3.03 19.75
C GLY A 100 2.80 4.18 19.56
N ALA A 101 3.30 5.36 19.16
CA ALA A 101 2.45 6.51 18.98
C ALA A 101 1.41 6.27 17.89
N LYS A 102 0.34 7.04 17.94
CA LYS A 102 -0.70 7.01 16.91
C LYS A 102 -0.53 8.21 15.98
N VAL A 103 -0.42 7.94 14.69
CA VAL A 103 -0.28 8.98 13.68
C VAL A 103 -1.63 9.18 13.00
N LEU A 104 -2.16 10.40 13.07
CA LEU A 104 -3.47 10.73 12.52
C LEU A 104 -3.28 11.78 11.42
N LEU A 105 -3.53 11.40 10.18
CA LEU A 105 -3.40 12.30 9.04
C LEU A 105 -4.72 13.06 8.88
N LEU A 106 -4.73 14.32 9.30
CA LEU A 106 -5.89 15.19 9.10
C LEU A 106 -5.84 15.81 7.70
N GLN A 107 -5.92 14.93 6.71
CA GLN A 107 -5.65 15.29 5.33
C GLN A 107 -6.72 14.73 4.40
N ASN A 108 -6.94 15.44 3.30
CA ASN A 108 -7.94 15.04 2.33
C ASN A 108 -7.27 14.22 1.22
N GLY A 109 -8.08 13.75 0.27
CA GLY A 109 -7.58 12.96 -0.83
C GLY A 109 -7.82 11.47 -0.65
N LEU A 110 -7.13 10.70 -1.49
CA LEU A 110 -7.26 9.25 -1.53
C LEU A 110 -5.88 8.60 -1.51
N GLY A 111 -5.78 7.48 -0.80
CA GLY A 111 -4.53 6.74 -0.72
C GLY A 111 -3.44 7.38 0.09
N VAL A 112 -3.78 8.37 0.93
CA VAL A 112 -2.77 9.13 1.66
C VAL A 112 -1.98 8.21 2.60
N GLU A 113 -2.69 7.45 3.43
CA GLU A 113 -2.03 6.61 4.42
C GLU A 113 -1.15 5.56 3.74
N GLU A 114 -1.64 4.97 2.64
CA GLU A 114 -0.88 3.94 1.95
C GLU A 114 0.44 4.48 1.41
N ARG A 115 0.49 5.76 1.02
CA ARG A 115 1.71 6.33 0.48
C ARG A 115 2.70 6.76 1.56
N LEU A 116 2.25 6.90 2.81
CA LEU A 116 3.15 7.25 3.90
C LEU A 116 3.64 6.03 4.67
N ARG A 117 2.83 4.97 4.71
CA ARG A 117 3.18 3.78 5.50
C ARG A 117 4.56 3.20 5.19
N PRO A 118 5.05 3.10 3.94
CA PRO A 118 6.35 2.43 3.71
C PRO A 118 7.49 2.96 4.56
N LEU A 119 7.49 4.24 4.93
CA LEU A 119 8.59 4.81 5.68
C LEU A 119 8.23 5.07 7.14
N LEU A 120 7.08 4.59 7.60
CA LEU A 120 6.68 4.69 8.99
C LEU A 120 6.99 3.38 9.71
N PRO A 121 7.67 3.43 10.86
CA PRO A 121 7.99 2.19 11.57
C PRO A 121 6.74 1.36 11.86
N GLU A 122 6.90 0.05 11.78
CA GLU A 122 5.77 -0.86 11.97
C GLU A 122 5.11 -0.67 13.32
N SER A 123 5.85 -0.17 14.32
CA SER A 123 5.33 -0.04 15.67
C SER A 123 4.38 1.15 15.83
N LEU A 124 4.22 2.00 14.81
CA LEU A 124 3.33 3.14 14.90
C LEU A 124 2.00 2.84 14.22
N HIS A 125 0.92 3.28 14.86
CA HIS A 125 -0.40 3.18 14.25
C HIS A 125 -0.62 4.34 13.30
N LEU A 126 -1.21 4.04 12.14
CA LEU A 126 -1.50 5.05 11.12
C LEU A 126 -3.01 5.17 10.97
N LEU A 127 -3.53 6.38 11.21
CA LEU A 127 -4.95 6.65 11.11
C LEU A 127 -5.19 7.82 10.18
N GLY A 128 -6.40 7.88 9.65
CA GLY A 128 -6.84 8.99 8.83
C GLY A 128 -7.97 9.74 9.51
N GLY A 129 -7.97 11.06 9.30
CA GLY A 129 -9.03 11.89 9.82
C GLY A 129 -9.59 12.80 8.74
N LEU A 130 -10.86 12.65 8.43
CA LEU A 130 -11.51 13.47 7.41
C LEU A 130 -12.25 14.59 8.12
N CYS A 131 -11.78 15.81 7.92
CA CYS A 131 -12.25 16.97 8.65
C CYS A 131 -13.26 17.74 7.80
N PHE A 132 -14.50 17.79 8.27
CA PHE A 132 -15.53 18.63 7.67
C PHE A 132 -15.52 19.94 8.43
N ILE A 133 -14.78 20.92 7.93
CA ILE A 133 -14.52 22.15 8.68
C ILE A 133 -14.27 23.29 7.70
N CYS A 134 -14.76 24.48 8.04
CA CYS A 134 -14.45 25.71 7.32
C CYS A 134 -13.44 26.50 8.16
N VAL A 135 -12.19 26.53 7.71
CA VAL A 135 -11.12 27.17 8.47
C VAL A 135 -10.06 27.64 7.48
N HIS A 136 -9.43 28.76 7.80
CA HIS A 136 -8.33 29.26 6.98
C HIS A 136 -7.45 30.19 7.82
N ARG A 137 -6.30 30.53 7.27
CA ARG A 137 -5.32 31.37 7.95
C ARG A 137 -5.59 32.83 7.60
N GLY A 138 -5.81 33.64 8.63
CA GLY A 138 -5.94 35.08 8.45
C GLY A 138 -4.60 35.76 8.62
N GLU A 139 -4.48 36.61 9.64
CA GLU A 139 -3.20 37.18 9.99
C GLU A 139 -2.30 36.10 10.60
N PRO A 140 -0.99 36.30 10.59
CA PRO A 140 -0.09 35.28 11.14
C PRO A 140 -0.43 34.95 12.59
N GLY A 141 -0.54 33.66 12.88
CA GLY A 141 -0.93 33.20 14.19
C GLY A 141 -2.41 33.27 14.49
N VAL A 142 -3.23 33.64 13.52
CA VAL A 142 -4.67 33.78 13.71
C VAL A 142 -5.37 32.74 12.84
N ILE A 143 -6.37 32.08 13.41
CA ILE A 143 -7.09 30.99 12.75
C ILE A 143 -8.55 31.38 12.65
N GLU A 144 -9.08 31.40 11.43
CA GLU A 144 -10.45 31.84 11.15
C GLU A 144 -11.32 30.61 10.95
N HIS A 145 -12.18 30.34 11.94
CA HIS A 145 -13.07 29.18 11.93
C HIS A 145 -14.49 29.67 11.68
N GLN A 146 -15.03 29.33 10.51
CA GLN A 146 -16.35 29.80 10.13
C GLN A 146 -17.47 28.81 10.44
N ALA A 147 -17.21 27.51 10.42
CA ALA A 147 -18.28 26.54 10.59
C ALA A 147 -17.71 25.14 10.78
N TYR A 148 -18.53 24.28 11.36
CA TYR A 148 -18.31 22.83 11.43
C TYR A 148 -17.04 22.55 12.23
N GLY A 149 -16.35 21.45 11.92
CA GLY A 149 -15.15 21.06 12.63
C GLY A 149 -15.07 19.58 12.93
N GLY A 150 -16.10 18.84 12.54
CA GLY A 150 -16.15 17.42 12.85
C GLY A 150 -15.05 16.63 12.16
N VAL A 151 -14.60 15.57 12.82
CA VAL A 151 -13.53 14.72 12.34
C VAL A 151 -14.04 13.28 12.28
N ASN A 152 -13.97 12.66 11.11
CA ASN A 152 -14.23 11.24 10.94
C ASN A 152 -12.90 10.50 10.93
N LEU A 153 -12.69 9.64 11.93
CA LEU A 153 -11.43 8.93 12.11
C LEU A 153 -11.54 7.51 11.57
N GLY A 154 -10.45 7.04 10.97
CA GLY A 154 -10.38 5.67 10.52
C GLY A 154 -8.97 5.11 10.70
N TYR A 155 -8.91 3.81 10.94
CA TYR A 155 -7.63 3.12 11.11
C TYR A 155 -7.17 2.57 9.76
N HIS A 156 -5.88 2.75 9.46
CA HIS A 156 -5.31 2.23 8.23
C HIS A 156 -4.40 1.03 8.46
N SER A 157 -3.41 1.15 9.34
CA SER A 157 -2.40 0.11 9.49
C SER A 157 -1.68 0.31 10.82
N GLY A 158 -1.04 -0.76 11.27
CA GLY A 158 -0.29 -0.74 12.51
C GLY A 158 -0.31 -2.07 13.24
N PRO A 159 0.27 -2.10 14.43
CA PRO A 159 0.44 -3.38 15.14
C PRO A 159 -0.77 -3.84 15.92
N ALA A 160 -1.95 -3.28 15.65
CA ALA A 160 -3.14 -3.56 16.43
C ALA A 160 -4.01 -4.61 15.74
N ASP A 161 -4.63 -5.47 16.54
CA ASP A 161 -5.62 -6.39 15.98
C ASP A 161 -6.96 -5.67 15.86
N GLU A 162 -7.99 -6.40 15.42
CA GLU A 162 -9.25 -5.76 15.06
C GLU A 162 -9.90 -5.09 16.27
N ARG A 163 -9.93 -5.78 17.41
CA ARG A 163 -10.49 -5.16 18.61
C ARG A 163 -9.69 -3.93 19.03
N ARG A 164 -8.36 -4.03 19.00
CA ARG A 164 -7.53 -2.90 19.41
C ARG A 164 -7.63 -1.75 18.41
N ARG A 165 -7.82 -2.06 17.12
CA ARG A 165 -7.99 -1.01 16.13
C ARG A 165 -9.21 -0.16 16.42
N ARG A 166 -10.34 -0.82 16.70
CA ARG A 166 -11.57 -0.09 17.03
C ARG A 166 -11.39 0.73 18.30
N GLU A 167 -10.66 0.18 19.28
CA GLU A 167 -10.43 0.92 20.52
C GLU A 167 -9.57 2.16 20.27
N ILE A 168 -8.59 2.06 19.37
CA ILE A 168 -7.72 3.20 19.11
C ILE A 168 -8.46 4.28 18.35
N VAL A 169 -9.26 3.90 17.35
CA VAL A 169 -10.07 4.89 16.64
C VAL A 169 -11.06 5.55 17.60
N GLU A 170 -11.67 4.76 18.49
CA GLU A 170 -12.58 5.31 19.47
C GLU A 170 -11.86 6.25 20.43
N GLU A 171 -10.62 5.93 20.76
CA GLU A 171 -9.81 6.77 21.63
C GLU A 171 -9.53 8.12 20.98
N GLY A 172 -9.17 8.12 19.70
CA GLY A 172 -8.97 9.37 19.00
C GLY A 172 -10.24 10.20 18.89
N ALA A 173 -11.37 9.53 18.63
CA ALA A 173 -12.64 10.24 18.56
C ALA A 173 -13.01 10.86 19.91
N ALA A 174 -12.66 10.20 21.01
CA ALA A 174 -12.95 10.75 22.33
C ALA A 174 -12.12 12.00 22.61
N LEU A 175 -10.89 12.04 22.09
CA LEU A 175 -10.06 13.24 22.24
C LEU A 175 -10.75 14.47 21.66
N PHE A 176 -11.26 14.35 20.43
CA PHE A 176 -11.94 15.47 19.81
C PHE A 176 -13.27 15.76 20.49
N ARG A 177 -14.01 14.72 20.87
CA ARG A 177 -15.32 14.91 21.48
C ARG A 177 -15.21 15.64 22.81
N GLU A 178 -14.25 15.24 23.66
CA GLU A 178 -14.05 15.93 24.92
C GLU A 178 -13.52 17.35 24.73
N SER A 179 -13.04 17.69 23.54
CA SER A 179 -12.62 19.05 23.22
C SER A 179 -13.75 19.92 22.71
N GLY A 180 -14.98 19.41 22.69
CA GLY A 180 -16.11 20.14 22.16
C GLY A 180 -16.33 19.98 20.68
N LEU A 181 -15.58 19.09 20.03
CA LEU A 181 -15.69 18.86 18.59
C LEU A 181 -16.43 17.57 18.33
N GLU A 182 -17.34 17.60 17.36
CA GLU A 182 -18.00 16.37 16.93
C GLU A 182 -16.99 15.46 16.25
N SER A 183 -17.10 14.16 16.51
CA SER A 183 -16.17 13.21 15.91
C SER A 183 -16.83 11.84 15.87
N THR A 184 -16.47 11.07 14.84
CA THR A 184 -17.09 9.78 14.57
C THR A 184 -16.01 8.77 14.23
N ALA A 185 -16.06 7.60 14.90
CA ALA A 185 -15.20 6.48 14.55
C ALA A 185 -15.75 5.81 13.30
N MET A 186 -14.95 5.75 12.24
CA MET A 186 -15.45 5.12 11.03
C MET A 186 -14.97 3.68 10.94
N PRO A 187 -15.81 2.77 10.46
CA PRO A 187 -15.38 1.37 10.31
C PRO A 187 -14.49 1.12 9.11
N ASP A 188 -14.50 2.01 8.12
CA ASP A 188 -13.79 1.80 6.86
C ASP A 188 -13.18 3.13 6.43
N LEU A 189 -11.87 3.27 6.66
CA LEU A 189 -11.19 4.52 6.34
C LEU A 189 -11.26 4.84 4.85
N GLU A 190 -11.02 3.83 4.01
CA GLU A 190 -11.01 4.07 2.57
C GLU A 190 -12.38 4.49 2.07
N GLN A 191 -13.44 3.83 2.55
CA GLN A 191 -14.78 4.28 2.23
C GLN A 191 -15.01 5.72 2.68
N ALA A 192 -14.52 6.06 3.88
CA ALA A 192 -14.68 7.41 4.38
C ALA A 192 -13.90 8.42 3.56
N ARG A 193 -12.77 8.01 2.97
CA ARG A 193 -12.04 8.92 2.10
C ARG A 193 -12.78 9.17 0.80
N TRP A 194 -13.43 8.13 0.26
CA TRP A 194 -14.26 8.33 -0.93
C TRP A 194 -15.41 9.28 -0.63
N GLN A 195 -15.99 9.18 0.58
CA GLN A 195 -17.09 10.06 0.94
C GLN A 195 -16.67 11.53 0.95
N LYS A 196 -15.47 11.81 1.47
CA LYS A 196 -15.00 13.19 1.53
C LYS A 196 -14.62 13.71 0.15
N LEU A 197 -14.15 12.83 -0.74
CA LEU A 197 -13.84 13.25 -2.11
C LEU A 197 -15.06 13.83 -2.80
N VAL A 198 -16.26 13.35 -2.45
CA VAL A 198 -17.48 13.84 -3.08
C VAL A 198 -17.67 15.33 -2.86
N TRP A 199 -17.15 15.86 -1.76
CA TRP A 199 -17.20 17.31 -1.55
C TRP A 199 -15.96 18.00 -2.09
N ASN A 200 -14.77 17.45 -1.81
CA ASN A 200 -13.54 18.15 -2.15
C ASN A 200 -13.33 18.23 -3.66
N ILE A 201 -13.65 17.17 -4.39
CA ILE A 201 -13.35 17.15 -5.83
C ILE A 201 -14.09 18.25 -6.59
N PRO A 202 -15.42 18.44 -6.43
CA PRO A 202 -16.08 19.55 -7.15
C PRO A 202 -15.75 20.91 -6.56
N TYR A 203 -15.85 21.06 -5.24
CA TYR A 203 -15.80 22.38 -4.64
C TYR A 203 -14.40 22.99 -4.65
N ASN A 204 -13.37 22.19 -4.33
CA ASN A 204 -12.01 22.70 -4.37
C ASN A 204 -11.64 23.15 -5.79
N GLY A 205 -11.92 22.30 -6.78
CA GLY A 205 -11.50 22.60 -8.14
C GLY A 205 -12.31 23.70 -8.79
N LEU A 206 -13.64 23.67 -8.62
CA LEU A 206 -14.47 24.69 -9.25
C LEU A 206 -14.28 26.05 -8.60
N SER A 207 -13.93 26.09 -7.31
CA SER A 207 -13.66 27.37 -6.67
C SER A 207 -12.42 28.03 -7.26
N VAL A 208 -11.44 27.23 -7.66
CA VAL A 208 -10.27 27.76 -8.36
C VAL A 208 -10.61 28.06 -9.82
N LEU A 209 -11.23 27.10 -10.50
CA LEU A 209 -11.50 27.25 -11.93
C LEU A 209 -12.43 28.43 -12.19
N LEU A 210 -13.56 28.47 -11.50
CA LEU A 210 -14.52 29.55 -11.67
C LEU A 210 -14.21 30.76 -10.78
N LYS A 211 -13.10 30.72 -10.04
CA LYS A 211 -12.68 31.80 -9.15
C LYS A 211 -13.85 32.30 -8.30
N SER A 212 -14.51 31.36 -7.65
CA SER A 212 -15.73 31.62 -6.89
C SER A 212 -15.64 30.94 -5.53
N SER A 213 -16.60 31.24 -4.68
CA SER A 213 -16.75 30.61 -3.38
C SER A 213 -18.06 29.84 -3.33
N THR A 214 -18.35 29.22 -2.19
CA THR A 214 -19.44 28.25 -2.12
C THR A 214 -20.80 28.88 -2.37
N ALA A 215 -21.03 30.10 -1.86
CA ALA A 215 -22.35 30.70 -2.03
C ALA A 215 -22.67 31.04 -3.48
N PRO A 216 -21.81 31.77 -4.22
CA PRO A 216 -22.12 31.97 -5.65
C PRO A 216 -22.17 30.68 -6.44
N LEU A 217 -21.36 29.68 -6.06
CA LEU A 217 -21.40 28.40 -6.76
C LEU A 217 -22.72 27.67 -6.53
N MET A 218 -23.29 27.79 -5.33
CA MET A 218 -24.58 27.17 -5.05
C MET A 218 -25.74 28.02 -5.54
N ALA A 219 -25.56 29.34 -5.61
CA ALA A 219 -26.64 30.22 -6.04
C ALA A 219 -26.91 30.06 -7.53
N ASN A 220 -25.86 30.03 -8.34
CA ASN A 220 -26.03 29.86 -9.78
C ASN A 220 -26.52 28.45 -10.10
N ALA A 221 -27.50 28.36 -11.00
CA ALA A 221 -28.12 27.07 -11.29
C ALA A 221 -27.21 26.19 -12.14
N ASP A 222 -26.38 26.79 -13.01
CA ASP A 222 -25.53 25.98 -13.88
C ASP A 222 -24.36 25.38 -13.11
N SER A 223 -23.70 26.18 -12.28
CA SER A 223 -22.63 25.63 -11.45
C SER A 223 -23.17 24.61 -10.46
N ARG A 224 -24.42 24.77 -10.02
CA ARG A 224 -25.00 23.81 -9.10
C ARG A 224 -25.23 22.46 -9.77
N SER A 225 -25.72 22.46 -11.01
CA SER A 225 -25.85 21.20 -11.74
C SER A 225 -24.50 20.59 -12.06
N LEU A 226 -23.49 21.43 -12.32
CA LEU A 226 -22.15 20.91 -12.59
C LEU A 226 -21.57 20.24 -11.35
N ILE A 227 -21.74 20.85 -10.17
CA ILE A 227 -21.28 20.23 -8.93
C ILE A 227 -21.95 18.88 -8.75
N GLU A 228 -23.27 18.83 -8.97
CA GLU A 228 -24.02 17.59 -8.77
C GLU A 228 -23.55 16.49 -9.73
N ALA A 229 -23.30 16.85 -10.99
CA ALA A 229 -22.83 15.86 -11.96
C ALA A 229 -21.45 15.35 -11.58
N ILE A 230 -20.60 16.23 -11.06
CA ILE A 230 -19.27 15.80 -10.61
C ILE A 230 -19.41 14.90 -9.38
N MET A 231 -20.32 15.24 -8.47
CA MET A 231 -20.56 14.39 -7.31
C MET A 231 -20.97 12.98 -7.72
N GLU A 232 -21.85 12.88 -8.72
CA GLU A 232 -22.30 11.56 -9.18
C GLU A 232 -21.17 10.79 -9.84
N GLU A 233 -20.21 11.50 -10.45
CA GLU A 233 -19.05 10.82 -11.00
C GLU A 233 -18.19 10.21 -9.89
N VAL A 234 -17.97 10.96 -8.81
CA VAL A 234 -17.19 10.43 -7.70
C VAL A 234 -17.94 9.30 -7.00
N ILE A 235 -19.25 9.45 -6.83
CA ILE A 235 -20.06 8.39 -6.26
C ILE A 235 -19.98 7.13 -7.12
N GLY A 236 -20.02 7.30 -8.43
CA GLY A 236 -19.96 6.15 -9.32
C GLY A 236 -18.58 5.52 -9.37
N ALA A 237 -17.53 6.34 -9.27
CA ALA A 237 -16.17 5.80 -9.24
C ALA A 237 -15.95 5.01 -7.96
N ALA A 238 -16.46 5.52 -6.83
CA ALA A 238 -16.36 4.77 -5.58
C ALA A 238 -17.09 3.45 -5.67
N GLY A 239 -18.31 3.45 -6.20
CA GLY A 239 -19.05 2.22 -6.40
C GLY A 239 -18.27 1.23 -7.24
N ALA A 240 -17.62 1.70 -8.31
CA ALA A 240 -16.89 0.82 -9.20
C ALA A 240 -15.69 0.18 -8.51
N CYS A 241 -15.09 0.88 -7.53
CA CYS A 241 -13.95 0.37 -6.79
C CYS A 241 -14.36 -0.41 -5.55
N GLY A 242 -15.65 -0.65 -5.35
CA GLY A 242 -16.14 -1.52 -4.28
C GLY A 242 -16.82 -0.82 -3.14
N PHE A 243 -16.94 0.51 -3.14
CA PHE A 243 -17.52 1.26 -2.03
C PHE A 243 -18.79 1.95 -2.51
N ILE A 244 -19.93 1.49 -2.01
CA ILE A 244 -21.22 2.12 -2.31
C ILE A 244 -21.52 3.12 -1.21
N LEU A 245 -21.66 4.39 -1.59
CA LEU A 245 -21.82 5.48 -0.65
C LEU A 245 -23.28 5.58 -0.22
N PRO A 246 -23.57 6.30 0.87
CA PRO A 246 -24.96 6.38 1.34
C PRO A 246 -25.90 6.94 0.28
N GLU A 247 -27.14 6.46 0.32
CA GLU A 247 -28.17 6.95 -0.59
C GLU A 247 -28.42 8.43 -0.35
N GLY A 248 -28.54 9.20 -1.43
CA GLY A 248 -28.76 10.62 -1.31
C GLY A 248 -27.61 11.37 -0.66
N TYR A 249 -26.40 10.82 -0.74
CA TYR A 249 -25.24 11.48 -0.15
C TYR A 249 -24.96 12.81 -0.84
N ALA A 250 -25.16 12.86 -2.16
CA ALA A 250 -24.96 14.12 -2.89
C ALA A 250 -25.94 15.19 -2.40
N ASP A 251 -27.20 14.81 -2.18
CA ASP A 251 -28.18 15.78 -1.69
C ASP A 251 -27.79 16.30 -0.32
N GLN A 252 -27.25 15.44 0.55
CA GLN A 252 -26.85 15.87 1.87
C GLN A 252 -25.69 16.87 1.79
N LEU A 253 -24.72 16.61 0.92
CA LEU A 253 -23.61 17.54 0.75
C LEU A 253 -24.09 18.85 0.16
N LEU A 254 -24.95 18.79 -0.85
CA LEU A 254 -25.49 20.01 -1.46
C LEU A 254 -26.29 20.82 -0.45
N ALA A 255 -27.14 20.16 0.33
CA ALA A 255 -27.96 20.87 1.31
C ALA A 255 -27.11 21.51 2.40
N ALA A 256 -26.12 20.78 2.92
CA ALA A 256 -25.26 21.34 3.95
C ALA A 256 -24.42 22.49 3.43
N THR A 257 -24.03 22.45 2.15
CA THR A 257 -23.21 23.53 1.59
C THR A 257 -24.04 24.78 1.32
N GLU A 258 -25.34 24.64 1.10
CA GLU A 258 -26.20 25.82 0.98
C GLU A 258 -26.32 26.54 2.31
N ARG A 259 -26.65 25.80 3.38
CA ARG A 259 -26.70 26.37 4.72
C ARG A 259 -25.37 26.99 5.13
N MET A 260 -24.28 26.51 4.54
CA MET A 260 -22.94 26.93 4.90
C MET A 260 -22.75 28.42 4.64
N PRO A 261 -21.93 29.10 5.45
CA PRO A 261 -21.54 30.46 5.10
C PRO A 261 -20.62 30.45 3.88
N ASP A 262 -20.51 31.62 3.25
CA ASP A 262 -19.66 31.74 2.07
C ASP A 262 -18.23 31.37 2.42
N TYR A 263 -17.70 30.37 1.74
CA TYR A 263 -16.45 29.74 2.13
C TYR A 263 -15.55 29.55 0.92
N ARG A 264 -14.29 29.95 1.05
CA ARG A 264 -13.29 29.67 0.03
C ARG A 264 -12.54 28.40 0.42
N PRO A 265 -12.62 27.33 -0.37
CA PRO A 265 -11.93 26.09 -0.01
C PRO A 265 -10.42 26.30 0.08
N SER A 266 -9.77 25.35 0.73
CA SER A 266 -8.33 25.47 0.99
C SER A 266 -7.54 25.52 -0.32
N MET A 267 -8.05 24.88 -1.38
CA MET A 267 -7.38 24.95 -2.67
C MET A 267 -7.48 26.34 -3.27
N TYR A 268 -8.60 27.05 -3.03
CA TYR A 268 -8.70 28.43 -3.46
C TYR A 268 -7.60 29.28 -2.82
N HIS A 269 -7.46 29.20 -1.50
CA HIS A 269 -6.41 29.94 -0.82
C HIS A 269 -5.04 29.54 -1.33
N ASP A 270 -4.83 28.24 -1.60
CA ASP A 270 -3.54 27.77 -2.10
C ASP A 270 -3.19 28.42 -3.43
N PHE A 271 -4.16 28.50 -4.34
CA PHE A 271 -3.88 29.07 -5.66
C PHE A 271 -3.59 30.57 -5.56
N ALA A 272 -4.32 31.27 -4.71
CA ALA A 272 -4.10 32.71 -4.57
C ALA A 272 -2.74 33.01 -3.95
N HIS A 273 -2.30 32.18 -3.01
CA HIS A 273 -1.01 32.36 -2.36
C HIS A 273 0.13 31.68 -3.10
N GLY A 274 -0.14 31.06 -4.24
CA GLY A 274 0.90 30.42 -5.03
C GLY A 274 1.37 29.08 -4.52
N ARG A 275 0.69 28.52 -3.52
CA ARG A 275 1.09 27.22 -2.99
C ARG A 275 0.71 26.11 -3.97
N PRO A 276 1.47 25.01 -4.00
CA PRO A 276 1.12 23.91 -4.91
C PRO A 276 -0.18 23.24 -4.50
N LEU A 277 -1.04 22.99 -5.49
CA LEU A 277 -2.36 22.44 -5.22
C LEU A 277 -2.27 20.94 -4.93
N GLU A 278 -3.21 20.45 -4.13
CA GLU A 278 -3.24 19.04 -3.75
C GLU A 278 -3.87 18.18 -4.85
N LEU A 279 -3.42 18.38 -6.09
CA LEU A 279 -4.04 17.66 -7.21
C LEU A 279 -3.75 16.17 -7.16
N ALA A 280 -2.57 15.79 -6.65
CA ALA A 280 -2.19 14.37 -6.66
C ALA A 280 -3.13 13.54 -5.80
N ALA A 281 -3.40 14.00 -4.58
CA ALA A 281 -4.22 13.20 -3.67
C ALA A 281 -5.71 13.34 -3.99
N ILE A 282 -6.15 14.53 -4.37
CA ILE A 282 -7.59 14.76 -4.55
C ILE A 282 -8.07 14.38 -5.96
N TYR A 283 -7.23 14.53 -6.97
CA TYR A 283 -7.65 14.28 -8.34
C TYR A 283 -6.94 13.11 -9.01
N ALA A 284 -5.61 13.11 -9.03
CA ALA A 284 -4.87 12.08 -9.76
C ALA A 284 -5.16 10.68 -9.20
N ALA A 285 -5.12 10.55 -7.88
CA ALA A 285 -5.28 9.22 -7.27
C ALA A 285 -6.68 8.62 -7.50
N PRO A 286 -7.79 9.33 -7.26
CA PRO A 286 -9.09 8.74 -7.59
C PRO A 286 -9.29 8.52 -9.08
N LEU A 287 -8.68 9.37 -9.93
CA LEU A 287 -8.77 9.15 -11.37
C LEU A 287 -8.09 7.85 -11.77
N ALA A 288 -6.90 7.58 -11.22
CA ALA A 288 -6.17 6.37 -11.56
C ALA A 288 -6.86 5.13 -11.00
N ARG A 289 -7.43 5.22 -9.80
CA ARG A 289 -8.17 4.10 -9.24
C ARG A 289 -9.39 3.76 -10.08
N ALA A 290 -10.15 4.79 -10.48
CA ALA A 290 -11.31 4.56 -11.34
C ALA A 290 -10.89 4.02 -12.70
N ALA A 291 -9.79 4.54 -13.26
CA ALA A 291 -9.29 4.02 -14.52
C ALA A 291 -8.93 2.54 -14.41
N ALA A 292 -8.31 2.15 -13.29
CA ALA A 292 -7.98 0.74 -13.09
C ALA A 292 -9.22 -0.13 -13.07
N ALA A 293 -10.33 0.38 -12.54
CA ALA A 293 -11.60 -0.33 -12.53
C ALA A 293 -12.40 -0.14 -13.82
N GLY A 294 -11.80 0.46 -14.84
CA GLY A 294 -12.51 0.69 -16.10
C GLY A 294 -13.66 1.67 -16.00
N TYR A 295 -13.57 2.64 -15.09
CA TYR A 295 -14.63 3.62 -14.87
C TYR A 295 -14.10 5.01 -15.20
N ARG A 296 -14.73 5.67 -16.16
CA ARG A 296 -14.31 6.99 -16.60
C ARG A 296 -15.02 8.08 -15.80
N MET A 297 -14.26 9.10 -15.42
CA MET A 297 -14.77 10.29 -14.73
C MET A 297 -14.48 11.49 -15.62
N PRO A 298 -15.27 11.67 -16.68
CA PRO A 298 -14.90 12.68 -17.70
C PRO A 298 -14.86 14.10 -17.17
N ARG A 299 -15.85 14.52 -16.39
CA ARG A 299 -15.85 15.88 -15.87
C ARG A 299 -14.70 16.10 -14.89
N VAL A 300 -14.45 15.12 -14.00
CA VAL A 300 -13.35 15.23 -13.05
C VAL A 300 -12.02 15.25 -13.79
N GLU A 301 -11.88 14.39 -14.80
CA GLU A 301 -10.66 14.35 -15.59
C GLU A 301 -10.42 15.68 -16.31
N ALA A 302 -11.47 16.28 -16.87
CA ALA A 302 -11.35 17.59 -17.50
C ALA A 302 -11.08 18.67 -16.46
N LEU A 303 -11.76 18.60 -15.32
CA LEU A 303 -11.49 19.55 -14.25
C LEU A 303 -10.05 19.43 -13.75
N HIS A 304 -9.53 18.20 -13.67
CA HIS A 304 -8.14 18.01 -13.28
C HIS A 304 -7.20 18.61 -14.31
N GLN A 305 -7.46 18.41 -15.60
CA GLN A 305 -6.60 18.95 -16.64
C GLN A 305 -6.61 20.49 -16.61
N ALA A 306 -7.78 21.08 -16.34
CA ALA A 306 -7.87 22.53 -16.28
C ALA A 306 -7.04 23.08 -15.11
N LEU A 307 -7.18 22.46 -13.93
CA LEU A 307 -6.41 22.90 -12.77
C LEU A 307 -4.91 22.78 -13.02
N ARG A 308 -4.50 21.68 -13.66
CA ARG A 308 -3.08 21.53 -14.00
C ARG A 308 -2.63 22.64 -14.95
N PHE A 309 -3.45 22.96 -15.95
CA PHE A 309 -3.16 24.07 -16.84
C PHE A 309 -3.01 25.37 -16.07
N LEU A 310 -4.00 25.67 -15.21
CA LEU A 310 -3.99 26.94 -14.48
C LEU A 310 -2.77 27.05 -13.57
N GLU A 311 -2.35 25.94 -12.96
CA GLU A 311 -1.18 25.97 -12.10
C GLU A 311 0.10 26.25 -12.89
N ALA A 312 0.14 25.83 -14.16
CA ALA A 312 1.33 26.06 -14.98
C ALA A 312 1.33 27.43 -15.64
N GLN A 313 0.19 28.11 -15.69
CA GLN A 313 0.13 29.41 -16.34
C GLN A 313 0.71 30.50 -15.43
N PRO A 314 1.38 31.50 -16.01
CA PRO A 314 1.94 32.59 -15.21
C PRO A 314 0.82 33.39 -14.55
N GLN B 6 12.03 -23.48 13.36
CA GLN B 6 13.36 -23.65 13.95
C GLN B 6 14.39 -22.68 13.38
N ARG B 7 15.56 -23.22 13.04
CA ARG B 7 16.59 -22.43 12.37
C ARG B 7 16.25 -22.32 10.90
N ILE B 8 16.26 -21.09 10.38
CA ILE B 8 15.80 -20.81 9.03
C ILE B 8 16.94 -20.17 8.24
N GLY B 9 17.21 -20.70 7.05
CA GLY B 9 18.21 -20.16 6.15
C GLY B 9 17.55 -19.61 4.90
N VAL B 10 18.12 -18.54 4.37
CA VAL B 10 17.62 -17.89 3.15
C VAL B 10 18.70 -18.03 2.09
N ILE B 11 18.49 -18.95 1.14
CA ILE B 11 19.45 -19.24 0.09
C ILE B 11 19.20 -18.23 -1.03
N GLY B 12 20.00 -17.17 -1.06
CA GLY B 12 19.79 -16.10 -2.01
C GLY B 12 18.83 -15.06 -1.46
N THR B 13 19.37 -13.95 -0.96
CA THR B 13 18.55 -12.91 -0.32
C THR B 13 18.16 -11.86 -1.36
N GLY B 14 17.26 -12.27 -2.25
CA GLY B 14 16.66 -11.38 -3.23
C GLY B 14 15.42 -10.71 -2.65
N ALA B 15 14.58 -10.23 -3.57
CA ALA B 15 13.35 -9.56 -3.15
C ALA B 15 12.44 -10.50 -2.36
N ILE B 16 12.26 -11.72 -2.87
CA ILE B 16 11.39 -12.69 -2.22
C ILE B 16 12.02 -13.22 -0.95
N GLY B 17 13.24 -13.73 -1.05
CA GLY B 17 13.92 -14.27 0.13
C GLY B 17 14.15 -13.22 1.20
N GLY B 18 14.56 -12.03 0.79
CA GLY B 18 14.79 -10.97 1.76
C GLY B 18 13.53 -10.60 2.52
N PHE B 19 12.43 -10.42 1.80
CA PHE B 19 11.17 -10.05 2.45
C PHE B 19 10.73 -11.11 3.45
N TYR B 20 10.65 -12.36 3.02
CA TYR B 20 10.15 -13.39 3.90
C TYR B 20 11.15 -13.74 4.99
N GLY B 21 12.45 -13.67 4.70
CA GLY B 21 13.44 -13.85 5.73
C GLY B 21 13.35 -12.80 6.82
N LEU B 22 13.23 -11.53 6.41
CA LEU B 22 13.15 -10.44 7.38
C LEU B 22 11.89 -10.53 8.22
N MET B 23 10.74 -10.81 7.58
CA MET B 23 9.50 -10.92 8.32
C MET B 23 9.57 -12.03 9.36
N LEU B 24 10.14 -13.18 8.98
CA LEU B 24 10.32 -14.27 9.94
C LEU B 24 11.27 -13.87 11.05
N ALA B 25 12.39 -13.23 10.71
CA ALA B 25 13.34 -12.82 11.73
C ALA B 25 12.77 -11.74 12.63
N HIS B 26 11.98 -10.82 12.06
CA HIS B 26 11.36 -9.77 12.87
C HIS B 26 10.36 -10.34 13.87
N ALA B 27 9.82 -11.54 13.60
CA ALA B 27 8.90 -12.19 14.51
C ALA B 27 9.62 -13.06 15.54
N GLY B 28 10.95 -12.98 15.63
CA GLY B 28 11.70 -13.69 16.63
C GLY B 28 12.36 -14.97 16.17
N HIS B 29 12.15 -15.38 14.92
CA HIS B 29 12.77 -16.60 14.43
C HIS B 29 14.27 -16.39 14.19
N ASP B 30 15.01 -17.49 14.21
CA ASP B 30 16.46 -17.45 14.01
C ASP B 30 16.71 -17.67 12.52
N VAL B 31 16.97 -16.58 11.80
CA VAL B 31 17.10 -16.60 10.34
C VAL B 31 18.54 -16.28 9.97
N HIS B 32 19.06 -17.02 8.98
CA HIS B 32 20.45 -16.90 8.54
C HIS B 32 20.44 -16.62 7.03
N PHE B 33 20.88 -15.42 6.66
CA PHE B 33 20.81 -14.97 5.27
C PHE B 33 22.12 -15.27 4.55
N LEU B 34 22.01 -15.86 3.36
CA LEU B 34 23.16 -16.06 2.48
C LEU B 34 23.07 -15.05 1.34
N LEU B 35 24.09 -14.20 1.24
CA LEU B 35 24.13 -13.13 0.26
C LEU B 35 25.16 -13.46 -0.81
N ARG B 36 24.74 -13.45 -2.07
CA ARG B 36 25.59 -13.92 -3.16
C ARG B 36 26.21 -12.80 -3.99
N SER B 37 25.52 -11.66 -4.17
CA SER B 37 26.05 -10.60 -5.02
C SER B 37 25.93 -9.20 -4.41
N GLU B 38 25.33 -9.05 -3.23
CA GLU B 38 25.31 -7.79 -2.52
C GLU B 38 25.56 -8.00 -1.03
N PHE B 39 26.49 -8.90 -0.73
CA PHE B 39 26.85 -9.17 0.66
C PHE B 39 27.47 -7.95 1.34
N GLU B 40 28.21 -7.14 0.57
CA GLU B 40 28.95 -6.04 1.16
C GLU B 40 28.03 -4.99 1.78
N ALA B 41 26.95 -4.63 1.07
CA ALA B 41 26.08 -3.56 1.54
C ALA B 41 25.24 -4.01 2.74
N VAL B 42 24.79 -5.26 2.73
CA VAL B 42 23.92 -5.74 3.81
C VAL B 42 24.71 -5.88 5.10
N ASN B 43 25.95 -6.36 5.02
CA ASN B 43 26.76 -6.67 6.20
C ASN B 43 27.39 -5.39 6.75
N ARG B 44 26.52 -4.51 7.24
CA ARG B 44 26.88 -3.24 7.87
C ARG B 44 25.63 -2.46 8.25
N ALA B 45 24.85 -2.09 7.23
CA ALA B 45 23.58 -1.41 7.45
C ALA B 45 22.47 -2.35 7.84
N GLY B 46 22.58 -3.63 7.49
CA GLY B 46 21.52 -4.58 7.74
C GLY B 46 20.54 -4.64 6.60
N LEU B 47 19.38 -5.21 6.89
CA LEU B 47 18.30 -5.35 5.92
C LEU B 47 17.12 -4.49 6.34
N SER B 48 16.65 -3.64 5.43
CA SER B 48 15.54 -2.75 5.70
C SER B 48 14.39 -3.04 4.75
N LEU B 49 13.17 -2.85 5.24
CA LEU B 49 11.96 -3.12 4.49
C LEU B 49 11.11 -1.85 4.43
N ASN B 50 10.73 -1.45 3.22
CA ASN B 50 9.80 -0.36 2.99
C ASN B 50 8.51 -0.99 2.49
N SER B 51 7.52 -1.12 3.37
CA SER B 51 6.30 -1.86 3.08
C SER B 51 5.09 -0.94 3.23
N ALA B 52 4.30 -0.83 2.16
CA ALA B 52 3.04 -0.10 2.24
C ALA B 52 2.00 -0.81 3.09
N VAL B 53 2.24 -2.07 3.46
CA VAL B 53 1.33 -2.83 4.30
C VAL B 53 1.86 -2.94 5.73
N HIS B 54 3.10 -3.39 5.88
CA HIS B 54 3.68 -3.65 7.20
C HIS B 54 4.53 -2.50 7.72
N GLY B 55 4.81 -1.50 6.89
CA GLY B 55 5.59 -0.37 7.35
C GLY B 55 7.08 -0.54 7.14
N PHE B 56 7.84 0.27 7.87
CA PHE B 56 9.29 0.28 7.78
C PHE B 56 9.86 -0.57 8.92
N ARG B 57 10.64 -1.60 8.55
CA ARG B 57 11.35 -2.42 9.51
C ARG B 57 12.81 -2.51 9.10
N ARG B 58 13.69 -2.58 10.10
CA ARG B 58 15.11 -2.82 9.85
C ARG B 58 15.62 -3.95 10.72
N LEU B 59 16.43 -4.82 10.12
CA LEU B 59 17.09 -5.92 10.81
C LEU B 59 18.54 -5.52 11.04
N ALA B 60 18.92 -5.36 12.31
CA ALA B 60 20.29 -4.98 12.65
C ALA B 60 20.63 -5.44 14.06
N PRO B 61 21.67 -6.28 14.23
CA PRO B 61 22.47 -6.83 13.12
C PRO B 61 21.77 -8.00 12.44
N VAL B 62 22.28 -8.39 11.28
CA VAL B 62 21.71 -9.49 10.50
C VAL B 62 22.75 -10.60 10.40
N GLN B 63 22.31 -11.84 10.63
CA GLN B 63 23.19 -13.00 10.51
C GLN B 63 23.40 -13.27 9.03
N ALA B 64 24.46 -12.70 8.48
CA ALA B 64 24.78 -12.79 7.06
C ALA B 64 25.97 -13.72 6.85
N TYR B 65 25.93 -14.48 5.77
CA TYR B 65 26.99 -15.43 5.42
C TYR B 65 27.36 -15.25 3.96
N HIS B 66 28.66 -15.35 3.67
CA HIS B 66 29.15 -15.20 2.31
C HIS B 66 29.18 -16.52 1.55
N SER B 67 29.26 -17.65 2.25
CA SER B 67 29.28 -18.96 1.63
C SER B 67 28.28 -19.86 2.34
N ALA B 68 27.64 -20.73 1.56
CA ALA B 68 26.70 -21.70 2.15
C ALA B 68 27.42 -22.62 3.12
N GLN B 69 28.72 -22.84 2.93
CA GLN B 69 29.48 -23.68 3.86
C GLN B 69 29.55 -23.06 5.25
N ASP B 70 29.56 -21.73 5.33
CA ASP B 70 29.66 -21.05 6.62
C ASP B 70 28.36 -21.07 7.40
N MET B 71 27.23 -21.30 6.74
CA MET B 71 25.94 -21.26 7.42
C MET B 71 25.80 -22.46 8.37
N PRO B 72 25.13 -22.28 9.50
CA PRO B 72 24.81 -23.41 10.37
C PRO B 72 23.73 -24.27 9.75
N PRO B 73 23.61 -25.53 10.16
CA PRO B 73 22.56 -26.39 9.61
C PRO B 73 21.18 -25.84 9.93
N CYS B 74 20.40 -25.57 8.88
CA CYS B 74 19.09 -24.96 9.01
C CYS B 74 18.00 -26.01 8.83
N ASP B 75 16.92 -25.86 9.61
CA ASP B 75 15.78 -26.75 9.48
C ASP B 75 14.82 -26.31 8.40
N TRP B 76 14.83 -25.04 8.02
CA TRP B 76 14.02 -24.52 6.93
C TRP B 76 14.92 -23.71 6.01
N LEU B 77 14.80 -23.95 4.70
CA LEU B 77 15.55 -23.21 3.69
C LEU B 77 14.57 -22.58 2.73
N LEU B 78 14.48 -21.25 2.77
CA LEU B 78 13.62 -20.51 1.84
C LEU B 78 14.43 -20.15 0.61
N VAL B 79 13.91 -20.52 -0.56
CA VAL B 79 14.54 -20.26 -1.85
C VAL B 79 13.63 -19.31 -2.62
N GLY B 80 14.06 -18.07 -2.80
CA GLY B 80 13.24 -17.09 -3.48
C GLY B 80 13.80 -16.59 -4.79
N ALA B 81 14.95 -17.12 -5.20
CA ALA B 81 15.60 -16.67 -6.42
C ALA B 81 14.80 -17.10 -7.65
N LYS B 82 15.15 -16.50 -8.79
CA LYS B 82 14.54 -16.89 -10.05
C LYS B 82 14.83 -18.35 -10.35
N THR B 83 13.87 -19.02 -10.99
CA THR B 83 13.96 -20.46 -11.20
C THR B 83 15.09 -20.86 -12.15
N THR B 84 15.58 -19.92 -12.97
CA THR B 84 16.61 -20.27 -13.94
C THR B 84 17.91 -20.69 -13.27
N GLY B 85 18.17 -20.22 -12.06
CA GLY B 85 19.40 -20.58 -11.37
C GLY B 85 19.25 -21.66 -10.34
N ASN B 86 18.17 -22.45 -10.44
CA ASN B 86 17.93 -23.49 -9.44
C ASN B 86 18.98 -24.59 -9.48
N HIS B 87 19.48 -24.92 -10.68
CA HIS B 87 20.52 -25.95 -10.78
C HIS B 87 21.79 -25.53 -10.07
N GLU B 88 22.21 -24.28 -10.27
CA GLU B 88 23.38 -23.76 -9.57
C GLU B 88 23.13 -23.67 -8.06
N LEU B 89 21.87 -23.53 -7.66
CA LEU B 89 21.53 -23.37 -6.25
C LEU B 89 21.55 -24.68 -5.48
N ALA B 90 21.50 -25.82 -6.17
CA ALA B 90 21.41 -27.11 -5.48
C ALA B 90 22.56 -27.35 -4.51
N PRO B 91 23.83 -27.11 -4.85
CA PRO B 91 24.89 -27.30 -3.84
C PRO B 91 24.75 -26.36 -2.66
N LEU B 92 24.29 -25.12 -2.89
CA LEU B 92 24.06 -24.18 -1.81
C LEU B 92 23.05 -24.75 -0.82
N ILE B 93 21.91 -25.24 -1.32
CA ILE B 93 20.88 -25.78 -0.46
C ILE B 93 21.40 -26.96 0.34
N ARG B 94 22.16 -27.86 -0.32
CA ARG B 94 22.65 -29.05 0.35
C ARG B 94 23.64 -28.70 1.47
N ALA B 95 24.49 -27.70 1.24
CA ALA B 95 25.49 -27.34 2.25
C ALA B 95 24.84 -26.74 3.49
N ALA B 96 23.80 -25.93 3.32
CA ALA B 96 23.15 -25.27 4.44
C ALA B 96 22.04 -26.11 5.06
N ALA B 97 21.74 -27.29 4.51
CA ALA B 97 20.63 -28.08 4.99
C ALA B 97 21.03 -28.94 6.18
N ALA B 98 20.19 -28.95 7.20
CA ALA B 98 20.32 -29.88 8.31
C ALA B 98 19.71 -31.22 7.92
N PRO B 99 19.97 -32.27 8.69
CA PRO B 99 19.29 -33.55 8.42
C PRO B 99 17.78 -33.40 8.45
N GLY B 100 17.13 -33.87 7.38
CA GLY B 100 15.68 -33.75 7.28
C GLY B 100 15.18 -32.33 7.16
N ALA B 101 15.99 -31.44 6.59
CA ALA B 101 15.60 -30.05 6.43
C ALA B 101 14.43 -29.93 5.46
N LYS B 102 13.67 -28.84 5.61
CA LYS B 102 12.57 -28.52 4.73
C LYS B 102 13.02 -27.43 3.76
N VAL B 103 12.91 -27.71 2.47
CA VAL B 103 13.31 -26.77 1.42
C VAL B 103 12.05 -26.20 0.79
N LEU B 104 11.86 -24.89 0.94
CA LEU B 104 10.65 -24.21 0.50
C LEU B 104 10.99 -23.33 -0.70
N LEU B 105 10.53 -23.74 -1.89
CA LEU B 105 10.79 -22.99 -3.12
C LEU B 105 9.71 -21.91 -3.25
N LEU B 106 10.05 -20.70 -2.84
CA LEU B 106 9.15 -19.54 -2.98
C LEU B 106 9.27 -19.00 -4.41
N GLN B 107 8.87 -19.84 -5.36
CA GLN B 107 9.11 -19.58 -6.77
C GLN B 107 7.84 -19.83 -7.57
N ASN B 108 7.75 -19.15 -8.72
CA ASN B 108 6.61 -19.27 -9.61
C ASN B 108 6.89 -20.32 -10.69
N GLY B 109 5.90 -20.57 -11.53
CA GLY B 109 6.02 -21.54 -12.59
C GLY B 109 5.44 -22.89 -12.23
N LEU B 110 5.74 -23.88 -13.08
CA LEU B 110 5.22 -25.23 -12.93
C LEU B 110 6.37 -26.22 -13.01
N GLY B 111 6.25 -27.32 -12.27
CA GLY B 111 7.26 -28.35 -12.30
C GLY B 111 8.57 -27.97 -11.65
N VAL B 112 8.58 -26.89 -10.86
CA VAL B 112 9.83 -26.36 -10.32
C VAL B 112 10.48 -27.38 -9.39
N GLU B 113 9.70 -27.98 -8.50
CA GLU B 113 10.25 -28.90 -7.51
C GLU B 113 10.77 -30.18 -8.17
N GLU B 114 10.05 -30.69 -9.17
CA GLU B 114 10.46 -31.93 -9.81
C GLU B 114 11.78 -31.78 -10.55
N ARG B 115 12.04 -30.61 -11.12
CA ARG B 115 13.32 -30.39 -11.80
C ARG B 115 14.48 -30.24 -10.82
N LEU B 116 14.21 -29.85 -9.58
CA LEU B 116 15.26 -29.73 -8.57
C LEU B 116 15.43 -31.00 -7.75
N ARG B 117 14.39 -31.81 -7.65
CA ARG B 117 14.43 -33.01 -6.81
C ARG B 117 15.61 -33.94 -7.07
N PRO B 118 16.02 -34.23 -8.31
CA PRO B 118 17.18 -35.13 -8.49
C PRO B 118 18.49 -34.55 -7.99
N LEU B 119 18.55 -33.25 -7.70
CA LEU B 119 19.76 -32.63 -7.19
C LEU B 119 19.76 -32.48 -5.67
N LEU B 120 18.68 -32.90 -5.01
CA LEU B 120 18.56 -32.84 -3.56
C LEU B 120 18.50 -34.25 -2.98
N PRO B 121 19.05 -34.45 -1.77
CA PRO B 121 18.94 -35.77 -1.14
C PRO B 121 17.48 -36.13 -0.90
N GLU B 122 17.18 -37.42 -1.00
CA GLU B 122 15.81 -37.88 -0.78
C GLU B 122 15.39 -37.77 0.69
N SER B 123 16.32 -37.49 1.60
CA SER B 123 15.98 -37.29 3.00
C SER B 123 15.37 -35.92 3.26
N LEU B 124 15.58 -34.96 2.36
CA LEU B 124 15.04 -33.62 2.54
C LEU B 124 13.61 -33.52 2.02
N HIS B 125 12.82 -32.68 2.69
CA HIS B 125 11.46 -32.40 2.27
C HIS B 125 11.48 -31.21 1.31
N LEU B 126 10.81 -31.36 0.16
CA LEU B 126 10.78 -30.34 -0.87
C LEU B 126 9.36 -29.78 -0.94
N LEU B 127 9.22 -28.49 -0.64
CA LEU B 127 7.93 -27.82 -0.59
C LEU B 127 7.92 -26.65 -1.56
N GLY B 128 6.71 -26.28 -1.96
CA GLY B 128 6.49 -25.15 -2.85
C GLY B 128 5.75 -24.03 -2.13
N GLY B 129 6.19 -22.80 -2.34
CA GLY B 129 5.54 -21.66 -1.75
C GLY B 129 5.14 -20.63 -2.81
N LEU B 130 3.85 -20.44 -2.99
CA LEU B 130 3.33 -19.56 -4.04
C LEU B 130 3.02 -18.20 -3.40
N CYS B 131 3.80 -17.19 -3.77
CA CYS B 131 3.77 -15.89 -3.11
C CYS B 131 2.98 -14.93 -3.98
N PHE B 132 1.77 -14.61 -3.53
CA PHE B 132 0.96 -13.54 -4.13
C PHE B 132 1.40 -12.24 -3.47
N ILE B 133 2.36 -11.58 -4.10
CA ILE B 133 3.06 -10.44 -3.50
C ILE B 133 3.63 -9.57 -4.61
N CYS B 134 3.60 -8.27 -4.38
CA CYS B 134 4.28 -7.28 -5.21
C CYS B 134 5.45 -6.77 -4.40
N VAL B 135 6.65 -7.18 -4.79
CA VAL B 135 7.87 -6.79 -4.08
C VAL B 135 9.02 -6.70 -5.07
N HIS B 136 9.94 -5.79 -4.81
CA HIS B 136 11.11 -5.66 -5.67
C HIS B 136 12.27 -5.13 -4.86
N ARG B 137 13.48 -5.37 -5.36
CA ARG B 137 14.67 -4.83 -4.72
C ARG B 137 14.81 -3.34 -5.04
N GLY B 138 15.05 -2.54 -4.00
CA GLY B 138 15.35 -1.13 -4.20
C GLY B 138 16.83 -0.86 -4.06
N GLU B 139 17.19 0.00 -3.11
CA GLU B 139 18.58 0.22 -2.77
C GLU B 139 19.17 -1.10 -2.23
N PRO B 140 20.49 -1.25 -2.29
CA PRO B 140 21.10 -2.45 -1.70
C PRO B 140 20.79 -2.56 -0.22
N GLY B 141 20.26 -3.71 0.17
CA GLY B 141 19.79 -3.92 1.53
C GLY B 141 18.40 -3.38 1.82
N VAL B 142 17.70 -2.87 0.81
CA VAL B 142 16.37 -2.29 0.99
C VAL B 142 15.39 -3.09 0.15
N ILE B 143 14.31 -3.56 0.78
CA ILE B 143 13.28 -4.33 0.11
C ILE B 143 12.02 -3.45 0.07
N GLU B 144 11.49 -3.25 -1.13
CA GLU B 144 10.30 -2.44 -1.34
C GLU B 144 9.10 -3.35 -1.57
N HIS B 145 8.15 -3.30 -0.64
CA HIS B 145 6.96 -4.15 -0.68
C HIS B 145 5.74 -3.27 -0.87
N GLN B 146 5.00 -3.50 -1.95
CA GLN B 146 3.87 -2.64 -2.32
C GLN B 146 2.51 -3.19 -1.94
N ALA B 147 2.32 -4.51 -2.00
CA ALA B 147 0.98 -5.05 -1.79
C ALA B 147 1.06 -6.54 -1.50
N TYR B 148 0.04 -7.03 -0.80
CA TYR B 148 -0.23 -8.45 -0.55
C TYR B 148 0.95 -9.06 0.20
N GLY B 149 1.27 -10.33 -0.05
CA GLY B 149 2.38 -10.98 0.62
C GLY B 149 2.07 -12.40 1.06
N GLY B 150 0.85 -12.84 0.84
CA GLY B 150 0.45 -14.16 1.29
C GLY B 150 1.18 -15.28 0.57
N VAL B 151 1.36 -16.39 1.27
CA VAL B 151 2.05 -17.56 0.74
C VAL B 151 1.15 -18.77 0.87
N ASN B 152 0.97 -19.49 -0.22
CA ASN B 152 0.28 -20.78 -0.20
C ASN B 152 1.33 -21.88 -0.29
N LEU B 153 1.39 -22.73 0.74
CA LEU B 153 2.39 -23.76 0.85
C LEU B 153 1.83 -25.12 0.42
N GLY B 154 2.67 -25.91 -0.24
CA GLY B 154 2.28 -27.26 -0.60
C GLY B 154 3.48 -28.19 -0.54
N TYR B 155 3.18 -29.47 -0.32
CA TYR B 155 4.21 -30.51 -0.25
C TYR B 155 4.41 -31.15 -1.62
N HIS B 156 5.66 -31.37 -1.99
CA HIS B 156 5.99 -32.03 -3.26
C HIS B 156 6.59 -33.42 -3.02
N SER B 157 7.79 -33.50 -2.45
CA SER B 157 8.49 -34.77 -2.35
C SER B 157 9.26 -34.83 -1.04
N GLY B 158 9.50 -36.06 -0.57
CA GLY B 158 10.23 -36.27 0.65
C GLY B 158 9.83 -37.55 1.37
N PRO B 159 10.52 -37.85 2.47
CA PRO B 159 10.28 -39.11 3.20
C PRO B 159 9.01 -39.14 4.02
N ALA B 160 8.32 -38.01 4.17
CA ALA B 160 7.14 -37.97 5.02
C ALA B 160 5.98 -38.76 4.40
N ASP B 161 5.17 -39.37 5.27
CA ASP B 161 3.93 -40.00 4.82
C ASP B 161 2.84 -38.93 4.73
N GLU B 162 1.63 -39.35 4.33
CA GLU B 162 0.56 -38.39 4.08
C GLU B 162 0.22 -37.59 5.33
N ARG B 163 0.22 -38.24 6.49
CA ARG B 163 -0.05 -37.52 7.74
C ARG B 163 1.07 -36.55 8.06
N ARG B 164 2.32 -37.00 7.94
CA ARG B 164 3.45 -36.13 8.23
C ARG B 164 3.58 -35.00 7.22
N ARG B 165 3.06 -35.21 6.00
CA ARG B 165 3.10 -34.15 4.99
C ARG B 165 2.20 -32.99 5.38
N ARG B 166 1.00 -33.29 5.87
CA ARG B 166 0.10 -32.21 6.30
C ARG B 166 0.66 -31.45 7.49
N GLU B 167 1.40 -32.13 8.38
CA GLU B 167 1.97 -31.45 9.54
C GLU B 167 3.08 -30.50 9.13
N ILE B 168 3.92 -30.89 8.17
CA ILE B 168 5.04 -30.06 7.76
C ILE B 168 4.55 -28.83 7.00
N VAL B 169 3.60 -29.01 6.09
CA VAL B 169 3.02 -27.87 5.37
C VAL B 169 2.36 -26.92 6.36
N GLU B 170 1.59 -27.46 7.31
CA GLU B 170 0.96 -26.61 8.32
C GLU B 170 1.99 -25.94 9.22
N GLU B 171 3.11 -26.62 9.49
CA GLU B 171 4.16 -26.00 10.28
C GLU B 171 4.77 -24.82 9.56
N GLY B 172 5.04 -24.97 8.26
CA GLY B 172 5.56 -23.85 7.49
C GLY B 172 4.57 -22.70 7.37
N ALA B 173 3.29 -23.04 7.17
CA ALA B 173 2.27 -22.00 7.13
C ALA B 173 2.19 -21.22 8.44
N ALA B 174 2.43 -21.91 9.56
CA ALA B 174 2.41 -21.24 10.86
C ALA B 174 3.59 -20.31 11.04
N LEU B 175 4.75 -20.65 10.45
CA LEU B 175 5.90 -19.75 10.45
C LEU B 175 5.53 -18.38 9.89
N PHE B 176 4.86 -18.37 8.73
CA PHE B 176 4.52 -17.11 8.09
C PHE B 176 3.36 -16.42 8.80
N ARG B 177 2.34 -17.18 9.18
CA ARG B 177 1.16 -16.57 9.81
C ARG B 177 1.50 -15.92 11.14
N GLU B 178 2.35 -16.58 11.94
CA GLU B 178 2.78 -15.99 13.20
C GLU B 178 3.69 -14.79 12.99
N SER B 179 4.27 -14.64 11.80
CA SER B 179 5.07 -13.47 11.47
C SER B 179 4.23 -12.31 10.93
N GLY B 180 2.91 -12.45 10.96
CA GLY B 180 2.04 -11.38 10.49
C GLY B 180 1.68 -11.44 9.04
N LEU B 181 1.89 -12.57 8.38
CA LEU B 181 1.57 -12.74 6.97
C LEU B 181 0.43 -13.72 6.79
N GLU B 182 -0.38 -13.50 5.77
CA GLU B 182 -1.39 -14.49 5.41
C GLU B 182 -0.70 -15.70 4.82
N SER B 183 -1.13 -16.89 5.25
CA SER B 183 -0.53 -18.11 4.70
C SER B 183 -1.50 -19.26 4.88
N THR B 184 -1.58 -20.11 3.85
CA THR B 184 -2.51 -21.22 3.81
C THR B 184 -1.79 -22.51 3.43
N ALA B 185 -2.19 -23.60 4.06
CA ALA B 185 -1.68 -24.93 3.72
C ALA B 185 -2.54 -25.51 2.59
N MET B 186 -1.89 -25.82 1.46
CA MET B 186 -2.60 -26.37 0.31
C MET B 186 -2.46 -27.88 0.29
N PRO B 187 -3.55 -28.63 0.09
CA PRO B 187 -3.43 -30.09 0.02
C PRO B 187 -2.78 -30.59 -1.26
N ASP B 188 -2.82 -29.82 -2.34
CA ASP B 188 -2.25 -30.21 -3.62
C ASP B 188 -1.36 -29.10 -4.13
N LEU B 189 -0.03 -29.32 -4.07
CA LEU B 189 0.90 -28.31 -4.51
C LEU B 189 0.76 -28.02 -6.01
N GLU B 190 0.56 -29.07 -6.81
CA GLU B 190 0.43 -28.87 -8.25
C GLU B 190 -0.79 -28.04 -8.59
N GLN B 191 -1.93 -28.30 -7.93
CA GLN B 191 -3.10 -27.47 -8.12
C GLN B 191 -2.83 -26.03 -7.70
N ALA B 192 -2.09 -25.86 -6.60
CA ALA B 192 -1.77 -24.51 -6.14
C ALA B 192 -0.88 -23.78 -7.13
N ARG B 193 0.03 -24.49 -7.80
CA ARG B 193 0.88 -23.84 -8.78
C ARG B 193 0.08 -23.41 -10.00
N TRP B 194 -0.91 -24.22 -10.41
CA TRP B 194 -1.73 -23.84 -11.55
C TRP B 194 -2.51 -22.57 -11.28
N GLN B 195 -3.00 -22.40 -10.05
CA GLN B 195 -3.78 -21.21 -9.74
C GLN B 195 -2.92 -19.95 -9.71
N LYS B 196 -1.64 -20.09 -9.34
CA LYS B 196 -0.74 -18.93 -9.42
C LYS B 196 -0.35 -18.63 -10.86
N LEU B 197 -0.32 -19.65 -11.72
CA LEU B 197 -0.01 -19.42 -13.13
C LEU B 197 -1.04 -18.53 -13.81
N VAL B 198 -2.28 -18.54 -13.31
CA VAL B 198 -3.33 -17.74 -13.91
C VAL B 198 -3.01 -16.24 -13.84
N TRP B 199 -2.16 -15.84 -12.90
CA TRP B 199 -1.70 -14.46 -12.82
C TRP B 199 -0.39 -14.22 -13.54
N ASN B 200 0.62 -15.08 -13.30
CA ASN B 200 1.94 -14.86 -13.86
C ASN B 200 1.93 -14.98 -15.38
N ILE B 201 1.17 -15.93 -15.93
CA ILE B 201 1.22 -16.16 -17.38
C ILE B 201 0.75 -14.95 -18.17
N PRO B 202 -0.41 -14.33 -17.88
CA PRO B 202 -0.77 -13.11 -18.61
C PRO B 202 0.04 -11.89 -18.20
N TYR B 203 0.18 -11.64 -16.91
CA TYR B 203 0.72 -10.36 -16.46
C TYR B 203 2.23 -10.26 -16.68
N ASN B 204 2.99 -11.33 -16.41
CA ASN B 204 4.43 -11.27 -16.63
C ASN B 204 4.76 -11.11 -18.11
N GLY B 205 4.07 -11.85 -18.98
CA GLY B 205 4.41 -11.81 -20.39
C GLY B 205 3.93 -10.55 -21.08
N LEU B 206 2.69 -10.16 -20.81
CA LEU B 206 2.15 -8.97 -21.47
C LEU B 206 2.84 -7.70 -20.99
N SER B 207 3.35 -7.69 -19.75
CA SER B 207 4.10 -6.53 -19.28
C SER B 207 5.37 -6.35 -20.09
N VAL B 208 6.00 -7.45 -20.51
CA VAL B 208 7.17 -7.37 -21.37
C VAL B 208 6.75 -7.09 -22.81
N LEU B 209 5.74 -7.81 -23.30
CA LEU B 209 5.36 -7.70 -24.71
C LEU B 209 4.77 -6.34 -25.04
N LEU B 210 3.90 -5.82 -24.18
CA LEU B 210 3.28 -4.52 -24.40
C LEU B 210 4.05 -3.39 -23.74
N LYS B 211 5.20 -3.67 -23.13
CA LYS B 211 6.00 -2.67 -22.43
C LYS B 211 5.15 -1.84 -21.49
N SER B 212 4.42 -2.53 -20.62
CA SER B 212 3.38 -1.94 -19.81
C SER B 212 3.46 -2.50 -18.40
N SER B 213 2.74 -1.86 -17.49
CA SER B 213 2.59 -2.34 -16.13
C SER B 213 1.13 -2.70 -15.88
N THR B 214 0.81 -3.09 -14.64
CA THR B 214 -0.50 -3.66 -14.36
C THR B 214 -1.62 -2.66 -14.56
N ALA B 215 -1.42 -1.41 -14.10
CA ALA B 215 -2.50 -0.43 -14.19
C ALA B 215 -2.87 -0.09 -15.63
N PRO B 216 -1.93 0.26 -16.52
CA PRO B 216 -2.33 0.50 -17.92
C PRO B 216 -2.92 -0.74 -18.58
N LEU B 217 -2.46 -1.93 -18.20
CA LEU B 217 -3.01 -3.16 -18.77
C LEU B 217 -4.45 -3.39 -18.30
N MET B 218 -4.78 -2.94 -17.09
CA MET B 218 -6.16 -3.06 -16.61
C MET B 218 -7.05 -1.92 -17.06
N ALA B 219 -6.47 -0.74 -17.30
CA ALA B 219 -7.27 0.41 -17.70
C ALA B 219 -7.75 0.31 -19.15
N ASN B 220 -6.96 -0.31 -20.03
CA ASN B 220 -7.35 -0.46 -21.42
C ASN B 220 -8.21 -1.69 -21.60
N ALA B 221 -9.35 -1.52 -22.28
CA ALA B 221 -10.33 -2.59 -22.40
C ALA B 221 -9.78 -3.76 -23.20
N ASP B 222 -9.00 -3.48 -24.24
CA ASP B 222 -8.48 -4.54 -25.08
C ASP B 222 -7.45 -5.39 -24.34
N SER B 223 -6.54 -4.74 -23.61
CA SER B 223 -5.59 -5.52 -22.83
C SER B 223 -6.29 -6.32 -21.74
N ARG B 224 -7.32 -5.73 -21.11
CA ARG B 224 -8.07 -6.46 -20.09
C ARG B 224 -8.77 -7.67 -20.67
N SER B 225 -9.40 -7.51 -21.85
CA SER B 225 -10.01 -8.67 -22.51
C SER B 225 -8.97 -9.72 -22.85
N LEU B 226 -7.76 -9.29 -23.24
CA LEU B 226 -6.69 -10.23 -23.55
C LEU B 226 -6.24 -10.99 -22.32
N ILE B 227 -6.05 -10.29 -21.20
CA ILE B 227 -5.65 -10.94 -19.96
C ILE B 227 -6.68 -11.99 -19.55
N GLU B 228 -7.97 -11.62 -19.64
CA GLU B 228 -9.02 -12.55 -19.23
C GLU B 228 -9.06 -13.78 -20.13
N ALA B 229 -8.86 -13.59 -21.44
CA ALA B 229 -8.84 -14.75 -22.34
C ALA B 229 -7.66 -15.66 -22.04
N ILE B 230 -6.50 -15.08 -21.74
CA ILE B 230 -5.35 -15.90 -21.35
C ILE B 230 -5.63 -16.61 -20.04
N MET B 231 -6.22 -15.90 -19.07
CA MET B 231 -6.58 -16.52 -17.81
C MET B 231 -7.49 -17.72 -18.01
N GLU B 232 -8.48 -17.60 -18.91
CA GLU B 232 -9.38 -18.72 -19.16
C GLU B 232 -8.66 -19.89 -19.83
N GLU B 233 -7.61 -19.62 -20.60
CA GLU B 233 -6.81 -20.71 -21.15
C GLU B 233 -6.06 -21.45 -20.06
N VAL B 234 -5.51 -20.72 -19.10
CA VAL B 234 -4.79 -21.36 -18.00
C VAL B 234 -5.75 -22.14 -17.11
N ILE B 235 -6.93 -21.57 -16.83
CA ILE B 235 -7.94 -22.28 -16.05
C ILE B 235 -8.36 -23.56 -16.77
N GLY B 236 -8.52 -23.49 -18.09
CA GLY B 236 -8.92 -24.67 -18.85
C GLY B 236 -7.83 -25.72 -18.90
N ALA B 237 -6.57 -25.29 -19.05
CA ALA B 237 -5.47 -26.25 -19.08
C ALA B 237 -5.32 -26.95 -17.74
N ALA B 238 -5.50 -26.22 -16.63
CA ALA B 238 -5.45 -26.83 -15.32
C ALA B 238 -6.53 -27.89 -15.16
N GLY B 239 -7.76 -27.56 -15.54
CA GLY B 239 -8.85 -28.52 -15.47
C GLY B 239 -8.62 -29.72 -16.36
N ALA B 240 -8.00 -29.50 -17.52
CA ALA B 240 -7.68 -30.61 -18.42
C ALA B 240 -6.72 -31.60 -17.77
N CYS B 241 -5.88 -31.12 -16.85
CA CYS B 241 -4.98 -31.98 -16.09
C CYS B 241 -5.55 -32.39 -14.74
N GLY B 242 -6.86 -32.17 -14.51
CA GLY B 242 -7.54 -32.70 -13.35
C GLY B 242 -7.79 -31.70 -12.23
N PHE B 243 -7.25 -30.50 -12.30
CA PHE B 243 -7.33 -29.53 -11.21
C PHE B 243 -8.42 -28.51 -11.49
N ILE B 244 -9.47 -28.53 -10.66
CA ILE B 244 -10.57 -27.59 -10.77
C ILE B 244 -10.23 -26.35 -9.94
N LEU B 245 -10.11 -25.21 -10.60
CA LEU B 245 -9.74 -23.97 -9.92
C LEU B 245 -10.97 -23.31 -9.32
N PRO B 246 -10.79 -22.44 -8.32
CA PRO B 246 -11.95 -21.85 -7.63
C PRO B 246 -12.85 -21.10 -8.59
N GLU B 247 -14.14 -21.06 -8.24
CA GLU B 247 -15.13 -20.43 -9.11
C GLU B 247 -14.92 -18.92 -9.15
N GLY B 248 -15.01 -18.36 -10.35
CA GLY B 248 -14.74 -16.95 -10.53
C GLY B 248 -13.31 -16.56 -10.21
N TYR B 249 -12.37 -17.48 -10.41
CA TYR B 249 -10.98 -17.20 -10.07
C TYR B 249 -10.40 -16.10 -10.95
N ALA B 250 -10.79 -16.06 -12.23
CA ALA B 250 -10.31 -15.01 -13.11
C ALA B 250 -10.77 -13.64 -12.62
N ASP B 251 -12.07 -13.48 -12.36
CA ASP B 251 -12.57 -12.22 -11.82
C ASP B 251 -11.94 -11.92 -10.46
N GLN B 252 -11.61 -12.95 -9.68
CA GLN B 252 -10.95 -12.75 -8.40
C GLN B 252 -9.60 -12.09 -8.58
N LEU B 253 -8.76 -12.66 -9.46
CA LEU B 253 -7.45 -12.08 -9.71
C LEU B 253 -7.56 -10.70 -10.36
N LEU B 254 -8.51 -10.54 -11.29
CA LEU B 254 -8.70 -9.24 -11.92
C LEU B 254 -9.12 -8.19 -10.91
N ALA B 255 -9.93 -8.57 -9.92
CA ALA B 255 -10.33 -7.62 -8.88
C ALA B 255 -9.15 -7.24 -8.01
N ALA B 256 -8.34 -8.23 -7.58
CA ALA B 256 -7.18 -7.92 -6.76
C ALA B 256 -6.14 -7.11 -7.52
N THR B 257 -5.99 -7.37 -8.82
CA THR B 257 -5.07 -6.58 -9.63
C THR B 257 -5.59 -5.16 -9.83
N GLU B 258 -6.91 -4.99 -9.94
CA GLU B 258 -7.49 -3.66 -10.06
C GLU B 258 -7.16 -2.80 -8.85
N ARG B 259 -7.26 -3.36 -7.65
CA ARG B 259 -7.06 -2.59 -6.44
C ARG B 259 -5.60 -2.27 -6.18
N MET B 260 -4.68 -3.16 -6.54
CA MET B 260 -3.29 -2.99 -6.18
C MET B 260 -2.64 -1.88 -7.01
N PRO B 261 -1.60 -1.25 -6.48
CA PRO B 261 -0.94 -0.16 -7.22
C PRO B 261 -0.20 -0.68 -8.44
N ASP B 262 0.16 0.26 -9.31
CA ASP B 262 0.86 -0.05 -10.55
C ASP B 262 2.12 -0.85 -10.27
N TYR B 263 2.20 -2.04 -10.85
CA TYR B 263 3.25 -3.00 -10.51
C TYR B 263 3.95 -3.47 -11.78
N ARG B 264 5.28 -3.48 -11.74
CA ARG B 264 6.09 -4.06 -12.81
C ARG B 264 6.49 -5.47 -12.40
N PRO B 265 6.00 -6.50 -13.08
CA PRO B 265 6.29 -7.87 -12.64
C PRO B 265 7.78 -8.21 -12.73
N SER B 266 8.12 -9.31 -12.05
CA SER B 266 9.45 -9.89 -12.14
C SER B 266 10.01 -9.85 -13.55
N MET B 267 9.25 -10.38 -14.51
CA MET B 267 9.73 -10.55 -15.88
C MET B 267 10.05 -9.23 -16.56
N TYR B 268 9.29 -8.18 -16.25
CA TYR B 268 9.56 -6.85 -16.82
C TYR B 268 10.95 -6.36 -16.45
N HIS B 269 11.26 -6.37 -15.15
CA HIS B 269 12.58 -5.93 -14.69
C HIS B 269 13.68 -6.82 -15.27
N ASP B 270 13.41 -8.12 -15.40
CA ASP B 270 14.42 -9.03 -15.93
C ASP B 270 14.74 -8.71 -17.38
N PHE B 271 13.71 -8.49 -18.20
CA PHE B 271 13.93 -8.17 -19.60
C PHE B 271 14.62 -6.81 -19.76
N ALA B 272 14.25 -5.84 -18.92
CA ALA B 272 14.80 -4.50 -19.04
C ALA B 272 16.28 -4.48 -18.69
N HIS B 273 16.69 -5.26 -17.70
CA HIS B 273 18.08 -5.30 -17.26
C HIS B 273 18.89 -6.41 -17.94
N GLY B 274 18.34 -7.03 -18.98
CA GLY B 274 19.06 -8.05 -19.71
C GLY B 274 19.12 -9.41 -19.05
N ARG B 275 18.38 -9.63 -17.96
CA ARG B 275 18.38 -10.92 -17.30
C ARG B 275 17.61 -11.94 -18.13
N PRO B 276 17.99 -13.21 -18.06
CA PRO B 276 17.21 -14.25 -18.76
C PRO B 276 15.84 -14.43 -18.11
N LEU B 277 14.81 -14.49 -18.95
CA LEU B 277 13.45 -14.56 -18.47
C LEU B 277 13.09 -15.98 -18.02
N GLU B 278 12.20 -16.05 -17.02
CA GLU B 278 11.75 -17.33 -16.48
C GLU B 278 10.75 -18.01 -17.40
N LEU B 279 11.07 -18.10 -18.69
CA LEU B 279 10.11 -18.64 -19.66
C LEU B 279 9.92 -20.15 -19.49
N ALA B 280 10.96 -20.86 -19.05
CA ALA B 280 10.87 -22.31 -18.94
C ALA B 280 9.79 -22.73 -17.95
N ALA B 281 9.81 -22.14 -16.75
CA ALA B 281 8.90 -22.58 -15.70
C ALA B 281 7.49 -21.99 -15.88
N ILE B 282 7.39 -20.75 -16.35
CA ILE B 282 6.08 -20.09 -16.39
C ILE B 282 5.32 -20.39 -17.69
N TYR B 283 6.03 -20.64 -18.80
CA TYR B 283 5.37 -20.85 -20.08
C TYR B 283 5.63 -22.23 -20.66
N ALA B 284 6.89 -22.64 -20.81
CA ALA B 284 7.19 -23.90 -21.48
C ALA B 284 6.62 -25.09 -20.72
N ALA B 285 6.76 -25.09 -19.39
CA ALA B 285 6.30 -26.26 -18.62
C ALA B 285 4.78 -26.41 -18.66
N PRO B 286 3.98 -25.39 -18.36
CA PRO B 286 2.51 -25.59 -18.46
C PRO B 286 2.04 -25.85 -19.88
N LEU B 287 2.73 -25.33 -20.91
CA LEU B 287 2.36 -25.66 -22.28
C LEU B 287 2.60 -27.14 -22.57
N ALA B 288 3.76 -27.67 -22.16
CA ALA B 288 4.05 -29.08 -22.38
C ALA B 288 3.13 -29.96 -21.53
N ARG B 289 2.81 -29.52 -20.32
CA ARG B 289 1.89 -30.27 -19.47
C ARG B 289 0.48 -30.27 -20.05
N ALA B 290 0.05 -29.15 -20.63
CA ALA B 290 -1.26 -29.10 -21.25
C ALA B 290 -1.30 -29.88 -22.56
N ALA B 291 -0.19 -29.87 -23.30
CA ALA B 291 -0.13 -30.66 -24.54
C ALA B 291 -0.27 -32.15 -24.24
N ALA B 292 0.40 -32.63 -23.20
CA ALA B 292 0.29 -34.04 -22.83
C ALA B 292 -1.13 -34.43 -22.48
N ALA B 293 -1.89 -33.50 -21.90
CA ALA B 293 -3.29 -33.73 -21.57
C ALA B 293 -4.23 -33.43 -22.74
N GLY B 294 -3.68 -33.15 -23.92
CA GLY B 294 -4.50 -32.92 -25.10
C GLY B 294 -5.31 -31.64 -25.06
N TYR B 295 -4.79 -30.59 -24.44
CA TYR B 295 -5.48 -29.31 -24.33
C TYR B 295 -4.57 -28.22 -24.85
N ARG B 296 -5.06 -27.43 -25.80
CA ARG B 296 -4.28 -26.37 -26.43
C ARG B 296 -4.51 -25.04 -25.72
N MET B 297 -3.44 -24.26 -25.63
CA MET B 297 -3.47 -22.88 -25.14
C MET B 297 -2.89 -21.98 -26.24
N PRO B 298 -3.67 -21.66 -27.27
CA PRO B 298 -3.10 -20.92 -28.41
C PRO B 298 -2.56 -19.54 -28.04
N ARG B 299 -3.28 -18.76 -27.22
CA ARG B 299 -2.79 -17.45 -26.83
C ARG B 299 -1.51 -17.55 -26.00
N VAL B 300 -1.48 -18.46 -25.04
CA VAL B 300 -0.27 -18.62 -24.22
C VAL B 300 0.89 -19.07 -25.09
N GLU B 301 0.64 -20.02 -25.99
CA GLU B 301 1.68 -20.46 -26.92
C GLU B 301 2.21 -19.30 -27.75
N ALA B 302 1.30 -18.50 -28.31
CA ALA B 302 1.72 -17.33 -29.08
C ALA B 302 2.47 -16.33 -28.21
N LEU B 303 2.00 -16.12 -26.98
CA LEU B 303 2.69 -15.23 -26.06
C LEU B 303 4.10 -15.73 -25.77
N HIS B 304 4.23 -17.03 -25.51
CA HIS B 304 5.55 -17.61 -25.27
C HIS B 304 6.48 -17.42 -26.46
N GLN B 305 5.96 -17.64 -27.67
CA GLN B 305 6.79 -17.48 -28.87
C GLN B 305 7.24 -16.05 -29.05
N ALA B 306 6.36 -15.08 -28.77
CA ALA B 306 6.74 -13.68 -28.91
C ALA B 306 7.80 -13.29 -27.89
N LEU B 307 7.68 -13.79 -26.66
CA LEU B 307 8.68 -13.47 -25.63
C LEU B 307 10.05 -14.03 -25.99
N ARG B 308 10.08 -15.27 -26.50
CA ARG B 308 11.36 -15.85 -26.93
C ARG B 308 11.96 -15.05 -28.08
N PHE B 309 11.12 -14.58 -29.00
CA PHE B 309 11.63 -13.72 -30.07
C PHE B 309 12.24 -12.45 -29.49
N LEU B 310 11.51 -11.78 -28.59
CA LEU B 310 12.01 -10.54 -28.00
C LEU B 310 13.32 -10.77 -27.27
N GLU B 311 13.46 -11.91 -26.60
CA GLU B 311 14.70 -12.22 -25.90
C GLU B 311 15.86 -12.44 -26.85
N ALA B 312 15.58 -12.95 -28.05
CA ALA B 312 16.62 -13.16 -29.04
C ALA B 312 16.99 -11.90 -29.81
N GLN B 313 16.20 -10.83 -29.69
CA GLN B 313 16.50 -9.60 -30.39
C GLN B 313 17.51 -8.76 -29.60
N PRO B 314 18.36 -7.99 -30.30
CA PRO B 314 19.39 -7.16 -29.66
C PRO B 314 18.81 -6.10 -28.73
#